data_4ICG
#
_entry.id   4ICG
#
_cell.length_a   77.880
_cell.length_b   82.900
_cell.length_c   47.130
_cell.angle_alpha   90.00
_cell.angle_beta   90.00
_cell.angle_gamma   90.00
#
_symmetry.space_group_name_H-M   'P 21 21 2'
#
loop_
_entity.id
_entity.type
_entity.pdbx_description
1 polymer 'DNA-binding protein H-NS'
2 polymer 'Hemolysin expression modulating protein (Involved in environmental regulation of virulence factors)'
#
loop_
_entity_poly.entity_id
_entity_poly.type
_entity_poly.pdbx_seq_one_letter_code
_entity_poly.pdbx_strand_id
1 'polypeptide(L)' (MSE)GEALKILNNIRTLRAQARECTLETLEE(MSE)LEKLEVVVNERREEESA B,A
2 'polypeptide(L)'
;GSH(MSE)SDKPLTKTDYL(MSE)RLRRCQTIDTLERVIEKNKYELSDNELAVFYSAADHRLAELT(MSE)NKLYDKIPS
SVWKFIR
;
C,D
#
# COMPACT_ATOMS: atom_id res chain seq x y z
N GLU A 3 -0.18 -8.69 -8.28
CA GLU A 3 1.18 -9.08 -8.60
C GLU A 3 2.15 -8.80 -7.45
N ALA A 4 2.98 -7.76 -7.60
CA ALA A 4 3.93 -7.37 -6.57
C ALA A 4 3.33 -6.39 -5.55
N LEU A 5 2.06 -6.05 -5.75
CA LEU A 5 1.30 -5.23 -4.81
C LEU A 5 0.93 -6.03 -3.57
N LYS A 6 0.73 -7.33 -3.82
CA LYS A 6 0.28 -8.27 -2.82
C LYS A 6 1.27 -8.42 -1.66
N ILE A 7 2.52 -8.04 -1.88
CA ILE A 7 3.54 -8.13 -0.83
C ILE A 7 3.22 -7.20 0.34
N LEU A 8 2.49 -6.13 0.04
CA LEU A 8 2.18 -5.10 1.03
C LEU A 8 1.19 -5.57 2.13
N ASN A 9 0.44 -6.63 1.84
CA ASN A 9 -0.54 -7.16 2.80
C ASN A 9 0.12 -7.86 3.98
N ASN A 10 1.11 -7.21 4.59
CA ASN A 10 1.79 -7.76 5.75
C ASN A 10 2.05 -6.65 6.75
N ILE A 11 1.28 -6.69 7.84
CA ILE A 11 1.20 -5.59 8.78
C ILE A 11 2.54 -5.23 9.39
N ARG A 12 3.36 -6.24 9.63
CA ARG A 12 4.69 -6.04 10.18
C ARG A 12 5.59 -5.38 9.13
N THR A 13 5.50 -5.88 7.90
CA THR A 13 6.30 -5.35 6.79
C THR A 13 5.76 -4.01 6.35
N LEU A 14 4.49 -3.78 6.63
CA LEU A 14 3.91 -2.51 6.29
C LEU A 14 4.56 -1.46 7.19
N ARG A 15 4.65 -1.75 8.48
CA ARG A 15 5.28 -0.84 9.43
C ARG A 15 6.73 -0.57 9.06
N ALA A 16 7.44 -1.65 8.73
CA ALA A 16 8.85 -1.54 8.40
C ALA A 16 9.07 -0.53 7.28
N GLN A 17 8.55 -0.84 6.11
CA GLN A 17 8.73 0.01 4.95
C GLN A 17 8.15 1.40 5.19
N ALA A 18 7.31 1.51 6.21
CA ALA A 18 6.64 2.76 6.54
C ALA A 18 7.53 3.72 7.31
N ARG A 19 8.48 3.17 8.06
CA ARG A 19 9.38 4.00 8.87
C ARG A 19 10.14 4.99 7.99
N GLU A 20 10.61 4.53 6.84
CA GLU A 20 11.41 5.37 5.94
C GLU A 20 10.58 6.32 5.09
N CYS A 21 9.25 6.23 5.14
CA CYS A 21 8.45 7.21 4.43
C CYS A 21 7.92 8.25 5.42
N THR A 22 7.82 9.49 4.98
CA THR A 22 7.27 10.53 5.82
C THR A 22 5.75 10.44 5.90
N LEU A 23 5.14 11.17 6.82
CA LEU A 23 3.71 11.04 7.06
C LEU A 23 2.86 11.58 5.92
N GLU A 24 3.30 12.69 5.33
CA GLU A 24 2.51 13.35 4.31
C GLU A 24 2.41 12.53 3.04
N THR A 25 3.41 11.70 2.80
CA THR A 25 3.37 10.80 1.66
C THR A 25 2.44 9.64 1.98
N LEU A 26 2.55 9.12 3.20
CA LEU A 26 1.69 8.04 3.68
C LEU A 26 0.20 8.33 3.47
N GLU A 27 -0.22 9.56 3.78
CA GLU A 27 -1.61 9.96 3.55
C GLU A 27 -1.98 9.89 2.07
N GLU A 28 -1.04 10.26 1.20
CA GLU A 28 -1.27 10.22 -0.25
C GLU A 28 -1.45 8.80 -0.73
N LEU A 30 -2.32 6.26 1.06
CA LEU A 30 -3.56 5.77 1.62
C LEU A 30 -4.74 6.27 0.83
N GLU A 31 -4.72 7.56 0.52
CA GLU A 31 -5.79 8.14 -0.26
C GLU A 31 -5.80 7.57 -1.69
N LYS A 32 -4.63 7.21 -2.21
CA LYS A 32 -4.55 6.56 -3.50
C LYS A 32 -5.28 5.23 -3.39
N LEU A 33 -4.94 4.50 -2.35
CA LEU A 33 -5.46 3.16 -2.15
C LEU A 33 -6.96 3.09 -1.94
N GLU A 34 -7.50 3.93 -1.06
CA GLU A 34 -8.91 3.83 -0.78
C GLU A 34 -9.68 4.14 -2.04
N VAL A 35 -9.17 5.11 -2.78
CA VAL A 35 -9.75 5.43 -4.08
C VAL A 35 -9.80 4.19 -4.95
N VAL A 36 -8.72 3.43 -4.95
CA VAL A 36 -8.67 2.20 -5.74
C VAL A 36 -9.67 1.14 -5.28
N VAL A 37 -9.74 0.87 -3.97
CA VAL A 37 -10.67 -0.16 -3.48
C VAL A 37 -12.11 0.29 -3.59
N ASN A 38 -12.37 1.58 -3.47
CA ASN A 38 -13.72 2.12 -3.65
C ASN A 38 -14.19 1.95 -5.07
N GLU A 39 -13.22 1.86 -5.97
CA GLU A 39 -13.50 1.67 -7.38
C GLU A 39 -13.90 0.23 -7.60
N ARG A 40 -13.41 -0.65 -6.74
CA ARG A 40 -13.75 -2.07 -6.85
C ARG A 40 -14.94 -2.47 -6.00
N ARG A 41 -15.17 -1.73 -4.91
CA ARG A 41 -16.34 -1.94 -4.05
C ARG A 41 -17.59 -1.73 -4.90
N GLU A 42 -17.55 -0.69 -5.73
CA GLU A 42 -18.63 -0.43 -6.66
C GLU A 42 -18.65 -1.48 -7.75
N GLU A 43 -17.48 -1.75 -8.31
CA GLU A 43 -17.38 -2.67 -9.43
C GLU A 43 -17.79 -4.10 -9.08
N GLU A 44 -16.94 -4.77 -8.31
CA GLU A 44 -17.12 -6.18 -7.93
C GLU A 44 -18.35 -6.42 -7.05
N SER A 45 -18.33 -5.88 -5.85
CA SER A 45 -19.42 -6.05 -4.89
C SER A 45 -20.76 -5.55 -5.41
N ALA A 46 -20.74 -4.38 -6.04
CA ALA A 46 -21.97 -3.79 -6.55
C ALA A 46 -22.03 -3.85 -8.08
N LEU B 9 -2.02 -22.27 -4.14
CA LEU B 9 -2.55 -22.45 -2.79
C LEU B 9 -3.27 -21.18 -2.31
N THR B 10 -4.33 -21.36 -1.52
CA THR B 10 -5.11 -20.22 -1.04
C THR B 10 -4.83 -19.88 0.42
N LYS B 11 -5.21 -18.67 0.84
CA LYS B 11 -4.90 -18.16 2.17
C LYS B 11 -5.57 -18.99 3.26
N THR B 12 -6.79 -19.43 2.98
CA THR B 12 -7.54 -20.22 3.94
C THR B 12 -6.76 -21.51 4.18
N ASP B 13 -6.09 -21.98 3.13
CA ASP B 13 -5.36 -23.23 3.21
C ASP B 13 -4.23 -23.06 4.23
N TYR B 14 -3.48 -21.97 4.08
CA TYR B 14 -2.43 -21.66 5.03
C TYR B 14 -3.05 -21.40 6.40
N LEU B 15 -4.20 -20.74 6.42
CA LEU B 15 -4.83 -20.41 7.68
C LEU B 15 -5.28 -21.67 8.42
N ARG B 17 -3.75 -24.52 8.37
CA ARG B 17 -2.54 -25.09 8.97
C ARG B 17 -2.13 -24.27 10.17
N LEU B 18 -2.16 -22.96 10.01
CA LEU B 18 -1.72 -22.06 11.06
C LEU B 18 -2.71 -22.02 12.20
N ARG B 19 -3.92 -22.51 11.92
CA ARG B 19 -4.99 -22.55 12.92
C ARG B 19 -4.64 -23.55 14.02
N ARG B 20 -3.79 -24.50 13.68
CA ARG B 20 -3.36 -25.52 14.63
C ARG B 20 -2.36 -24.93 15.60
N CYS B 21 -1.80 -23.80 15.23
CA CYS B 21 -0.73 -23.24 16.02
C CYS B 21 -1.22 -22.51 17.25
N GLN B 22 -0.55 -22.73 18.37
CA GLN B 22 -0.99 -22.15 19.62
C GLN B 22 0.12 -21.34 20.29
N THR B 23 -0.28 -20.46 21.20
CA THR B 23 0.64 -19.66 22.02
C THR B 23 1.55 -18.68 21.29
N ILE B 24 1.15 -18.24 20.10
CA ILE B 24 1.86 -17.22 19.31
C ILE B 24 3.36 -17.48 19.11
N ASP B 25 4.06 -17.79 20.20
CA ASP B 25 5.49 -18.08 20.12
C ASP B 25 5.74 -19.21 19.14
N THR B 26 4.90 -20.24 19.18
CA THR B 26 5.01 -21.35 18.25
C THR B 26 4.74 -20.87 16.83
N LEU B 27 3.77 -19.96 16.68
CA LEU B 27 3.45 -19.40 15.39
C LEU B 27 4.59 -18.57 14.86
N GLU B 28 5.17 -17.74 15.72
CA GLU B 28 6.31 -16.92 15.35
C GLU B 28 7.41 -17.82 14.82
N ARG B 29 7.53 -18.99 15.44
CA ARG B 29 8.54 -19.96 15.05
C ARG B 29 8.24 -20.56 13.68
N VAL B 30 7.00 -20.95 13.45
CA VAL B 30 6.66 -21.54 12.17
C VAL B 30 6.74 -20.47 11.09
N ILE B 31 6.28 -19.26 11.40
CA ILE B 31 6.37 -18.14 10.47
C ILE B 31 7.83 -17.84 10.13
N GLU B 32 8.69 -17.89 11.15
CA GLU B 32 10.12 -17.68 10.97
C GLU B 32 10.75 -18.75 10.06
N LYS B 33 10.35 -20.00 10.26
CA LYS B 33 10.85 -21.10 9.44
C LYS B 33 10.37 -20.99 8.00
N ASN B 34 9.13 -20.54 7.83
CA ASN B 34 8.56 -20.36 6.49
C ASN B 34 9.23 -19.28 5.66
N LYS B 35 9.59 -18.18 6.30
CA LYS B 35 10.21 -17.04 5.62
C LYS B 35 11.36 -17.43 4.70
N TYR B 36 12.26 -18.26 5.19
CA TYR B 36 13.40 -18.72 4.41
C TYR B 36 13.17 -19.93 3.48
N GLU B 37 12.03 -20.58 3.58
CA GLU B 37 11.77 -21.75 2.75
C GLU B 37 10.76 -21.51 1.63
N LEU B 38 9.95 -20.48 1.79
CA LEU B 38 8.82 -20.27 0.88
C LEU B 38 9.13 -19.68 -0.49
N SER B 39 8.19 -19.93 -1.40
CA SER B 39 8.25 -19.55 -2.80
C SER B 39 8.35 -18.07 -3.09
N ASP B 40 8.27 -17.24 -2.06
CA ASP B 40 8.36 -15.78 -2.23
C ASP B 40 7.14 -15.24 -2.95
N ASN B 41 6.92 -15.71 -4.16
CA ASN B 41 5.71 -15.39 -4.90
C ASN B 41 4.54 -15.99 -4.17
N GLU B 42 4.70 -17.23 -3.72
CA GLU B 42 3.68 -17.86 -2.87
C GLU B 42 3.69 -17.34 -1.43
N LEU B 43 4.86 -16.94 -0.94
CA LEU B 43 5.02 -16.53 0.46
C LEU B 43 4.06 -15.41 0.86
N ALA B 44 3.79 -14.50 -0.06
CA ALA B 44 2.96 -13.34 0.20
C ALA B 44 1.57 -13.72 0.69
N VAL B 45 1.01 -14.77 0.11
CA VAL B 45 -0.32 -15.21 0.52
C VAL B 45 -0.28 -15.85 1.92
N PHE B 46 0.83 -16.50 2.24
CA PHE B 46 1.04 -17.09 3.56
C PHE B 46 1.03 -15.98 4.61
N TYR B 47 1.64 -14.86 4.26
CA TYR B 47 1.69 -13.72 5.15
C TYR B 47 0.29 -13.22 5.48
N SER B 48 -0.64 -13.39 4.54
CA SER B 48 -2.02 -13.00 4.77
C SER B 48 -2.65 -13.85 5.85
N ALA B 49 -2.40 -15.15 5.76
CA ALA B 49 -2.94 -16.12 6.71
C ALA B 49 -2.24 -16.01 8.04
N ALA B 50 -0.94 -15.70 7.97
CA ALA B 50 -0.12 -15.49 9.14
C ALA B 50 -0.64 -14.34 9.99
N ASP B 51 -0.93 -13.20 9.36
CA ASP B 51 -1.48 -12.06 10.09
C ASP B 51 -2.81 -12.45 10.69
N HIS B 52 -3.64 -13.09 9.89
CA HIS B 52 -4.95 -13.52 10.38
C HIS B 52 -4.83 -14.34 11.65
N ARG B 53 -4.02 -15.39 11.60
CA ARG B 53 -3.85 -16.28 12.74
C ARG B 53 -3.29 -15.55 13.95
N LEU B 54 -2.25 -14.75 13.74
CA LEU B 54 -1.66 -13.98 14.82
C LEU B 54 -2.67 -13.04 15.44
N ALA B 55 -3.51 -12.44 14.60
CA ALA B 55 -4.56 -11.57 15.10
C ALA B 55 -5.49 -12.41 15.95
N GLU B 56 -5.96 -13.52 15.40
CA GLU B 56 -6.97 -14.31 16.07
C GLU B 56 -6.36 -15.14 17.20
N LEU B 57 -5.06 -14.98 17.37
CA LEU B 57 -4.35 -15.62 18.48
C LEU B 57 -4.07 -14.55 19.52
N THR B 58 -3.88 -13.31 19.06
CA THR B 58 -3.64 -12.17 19.93
C THR B 58 -4.87 -11.89 20.81
N ASN B 60 -7.52 -14.26 21.10
CA ASN B 60 -8.15 -15.52 21.52
C ASN B 60 -9.59 -15.64 21.01
N LYS B 61 -9.83 -15.21 19.78
CA LYS B 61 -11.11 -15.42 19.12
C LYS B 61 -10.85 -15.82 17.67
N LEU B 62 -11.66 -16.72 17.14
CA LEU B 62 -11.47 -17.15 15.75
C LEU B 62 -12.39 -16.42 14.77
N TYR B 63 -11.83 -15.43 14.08
CA TYR B 63 -12.59 -14.66 13.10
C TYR B 63 -12.44 -15.29 11.74
N ASP B 64 -13.54 -15.38 11.00
CA ASP B 64 -13.44 -15.75 9.60
C ASP B 64 -12.88 -14.56 8.83
N LYS B 65 -13.39 -13.36 9.11
CA LYS B 65 -12.82 -12.14 8.55
C LYS B 65 -12.51 -11.19 9.69
N ILE B 66 -11.28 -10.70 9.69
CA ILE B 66 -10.73 -9.89 10.77
C ILE B 66 -11.32 -8.48 10.77
N PRO B 67 -11.83 -8.04 11.93
CA PRO B 67 -12.37 -6.69 12.14
C PRO B 67 -11.26 -5.65 12.14
N SER B 68 -11.56 -4.45 11.65
CA SER B 68 -10.54 -3.41 11.55
C SER B 68 -9.95 -3.03 12.90
N SER B 69 -10.74 -3.20 13.96
CA SER B 69 -10.36 -2.79 15.31
C SER B 69 -9.10 -3.46 15.85
N VAL B 70 -8.96 -4.76 15.60
CA VAL B 70 -7.86 -5.53 16.18
C VAL B 70 -6.45 -5.16 15.67
N TRP B 71 -6.34 -4.73 14.42
CA TRP B 71 -5.00 -4.55 13.83
C TRP B 71 -4.10 -3.65 14.68
N LYS B 72 -4.71 -2.77 15.46
CA LYS B 72 -3.96 -1.84 16.31
C LYS B 72 -3.24 -2.61 17.41
N PHE B 73 -3.87 -3.71 17.87
CA PHE B 73 -3.34 -4.49 19.00
C PHE B 73 -2.20 -5.41 18.61
N ILE B 74 -2.00 -5.59 17.31
CA ILE B 74 -0.90 -6.41 16.83
C ILE B 74 0.46 -5.80 17.19
N ARG B 75 1.34 -6.63 17.74
CA ARG B 75 2.73 -6.25 18.00
C ARG B 75 3.57 -6.46 16.75
N GLU C 3 10.24 0.64 1.08
CA GLU C 3 10.65 -0.57 0.38
C GLU C 3 10.01 -0.65 -1.01
N ALA C 4 9.03 -1.53 -1.16
CA ALA C 4 8.28 -1.67 -2.40
C ALA C 4 7.10 -0.69 -2.44
N LEU C 5 7.07 0.22 -1.48
CA LEU C 5 5.98 1.19 -1.35
C LEU C 5 5.90 2.20 -2.49
N LYS C 6 6.98 2.35 -3.25
CA LYS C 6 6.98 3.35 -4.30
C LYS C 6 5.86 3.14 -5.33
N ILE C 7 5.42 1.90 -5.48
CA ILE C 7 4.32 1.58 -6.38
C ILE C 7 2.99 2.13 -5.86
N LEU C 8 2.91 2.23 -4.54
CA LEU C 8 1.66 2.62 -3.90
C LEU C 8 1.31 4.07 -4.13
N ASN C 9 2.31 4.93 -4.30
CA ASN C 9 2.02 6.31 -4.57
C ASN C 9 2.11 6.60 -6.07
N ASN C 10 1.59 5.69 -6.87
CA ASN C 10 1.51 5.86 -8.32
C ASN C 10 0.20 5.32 -8.79
N ILE C 11 -0.70 6.25 -9.07
CA ILE C 11 -2.09 5.92 -9.27
C ILE C 11 -2.36 4.97 -10.44
N ARG C 12 -1.58 5.08 -11.51
CA ARG C 12 -1.87 4.31 -12.72
C ARG C 12 -1.68 2.81 -12.56
N THR C 13 -0.49 2.45 -12.11
CA THR C 13 -0.10 1.05 -11.97
C THR C 13 -0.73 0.43 -10.72
N LEU C 14 -1.09 1.31 -9.80
CA LEU C 14 -1.77 0.91 -8.58
C LEU C 14 -3.12 0.30 -8.88
N ARG C 15 -3.88 0.92 -9.77
CA ARG C 15 -5.13 0.33 -10.23
C ARG C 15 -4.83 -1.01 -10.90
N ALA C 16 -3.84 -1.00 -11.79
CA ALA C 16 -3.49 -2.18 -12.58
C ALA C 16 -3.18 -3.39 -11.72
N GLN C 17 -2.16 -3.28 -10.88
CA GLN C 17 -1.76 -4.36 -10.01
C GLN C 17 -2.85 -4.73 -9.02
N ALA C 18 -3.83 -3.84 -8.84
CA ALA C 18 -4.95 -4.09 -7.93
C ALA C 18 -5.98 -5.02 -8.56
N ARG C 19 -6.11 -4.95 -9.88
CA ARG C 19 -7.01 -5.82 -10.60
C ARG C 19 -6.59 -7.29 -10.45
N GLU C 20 -5.28 -7.54 -10.43
CA GLU C 20 -4.76 -8.90 -10.32
C GLU C 20 -4.84 -9.48 -8.92
N CYS C 21 -5.20 -8.64 -7.95
CA CYS C 21 -5.45 -9.08 -6.60
C CYS C 21 -6.96 -9.14 -6.38
N THR C 22 -7.42 -10.00 -5.49
CA THR C 22 -8.84 -10.04 -5.18
C THR C 22 -9.25 -8.84 -4.33
N LEU C 23 -10.55 -8.61 -4.23
CA LEU C 23 -11.06 -7.49 -3.45
C LEU C 23 -10.97 -7.76 -1.95
N GLU C 24 -11.17 -9.01 -1.55
CA GLU C 24 -11.22 -9.35 -0.13
C GLU C 24 -9.86 -9.11 0.51
N THR C 25 -8.80 -9.21 -0.28
CA THR C 25 -7.47 -8.90 0.23
C THR C 25 -7.31 -7.39 0.25
N LEU C 26 -7.72 -6.73 -0.84
CA LEU C 26 -7.60 -5.28 -0.94
C LEU C 26 -8.18 -4.61 0.29
N GLU C 27 -9.31 -5.11 0.77
CA GLU C 27 -9.91 -4.59 1.97
C GLU C 27 -8.95 -4.78 3.14
N GLU C 28 -8.31 -5.95 3.20
CA GLU C 28 -7.41 -6.26 4.30
C GLU C 28 -6.24 -5.31 4.30
N LEU C 30 -5.96 -2.38 2.85
CA LEU C 30 -6.37 -1.02 3.14
C LEU C 30 -6.57 -0.79 4.62
N GLU C 31 -7.28 -1.70 5.27
CA GLU C 31 -7.50 -1.51 6.69
C GLU C 31 -6.18 -1.67 7.42
N LYS C 32 -5.28 -2.47 6.88
CA LYS C 32 -3.93 -2.56 7.42
C LYS C 32 -3.21 -1.22 7.24
N LEU C 33 -3.26 -0.68 6.04
CA LEU C 33 -2.61 0.58 5.77
C LEU C 33 -3.14 1.69 6.66
N GLU C 34 -4.46 1.77 6.76
CA GLU C 34 -5.08 2.87 7.49
C GLU C 34 -4.64 2.86 8.94
N VAL C 35 -4.57 1.66 9.52
CA VAL C 35 -4.07 1.49 10.88
C VAL C 35 -2.61 1.98 11.03
N VAL C 36 -1.77 1.64 10.06
CA VAL C 36 -0.36 2.03 10.11
C VAL C 36 -0.17 3.53 10.06
N VAL C 37 -0.89 4.19 9.16
CA VAL C 37 -0.75 5.63 9.03
C VAL C 37 -1.34 6.36 10.24
N ASN C 38 -2.36 5.78 10.83
CA ASN C 38 -2.93 6.40 12.01
C ASN C 38 -1.90 6.39 13.15
N GLU C 39 -1.00 5.41 13.14
CA GLU C 39 -0.05 5.21 14.23
C GLU C 39 1.07 6.24 14.23
N ARG C 40 1.35 6.82 13.07
CA ARG C 40 2.41 7.80 12.97
C ARG C 40 1.90 9.18 13.28
N ARG C 41 0.59 9.35 13.15
CA ARG C 41 -0.04 10.61 13.48
C ARG C 41 0.20 10.97 14.94
N GLU C 42 0.07 9.97 15.80
CA GLU C 42 0.37 10.10 17.23
C GLU C 42 1.86 10.25 17.47
N GLU C 43 2.62 9.50 16.69
CA GLU C 43 4.08 9.49 16.78
C GLU C 43 4.65 10.88 16.54
N GLU C 44 4.44 11.42 15.34
CA GLU C 44 4.91 12.77 15.03
C GLU C 44 4.22 13.77 15.96
N SER C 45 2.90 13.93 15.79
CA SER C 45 2.08 14.80 16.64
C SER C 45 2.56 16.25 16.74
N ALA C 46 1.88 17.01 17.63
CA ALA C 46 2.11 18.43 17.86
C ALA C 46 2.24 19.23 16.56
N PRO D 8 16.46 15.79 2.61
CA PRO D 8 16.20 15.20 1.30
C PRO D 8 15.23 16.04 0.48
N LEU D 9 15.18 15.79 -0.83
CA LEU D 9 14.29 16.53 -1.70
C LEU D 9 12.83 16.19 -1.39
N THR D 10 11.97 17.21 -1.39
CA THR D 10 10.56 17.01 -1.06
C THR D 10 9.69 17.09 -2.31
N LYS D 11 8.43 16.67 -2.18
CA LYS D 11 7.53 16.57 -3.32
C LYS D 11 7.25 17.92 -3.97
N THR D 12 7.16 18.95 -3.15
CA THR D 12 6.87 20.30 -3.61
C THR D 12 7.96 20.77 -4.58
N ASP D 13 9.19 20.34 -4.31
CA ASP D 13 10.33 20.71 -5.14
C ASP D 13 10.19 20.11 -6.53
N TYR D 14 9.88 18.83 -6.59
CA TYR D 14 9.71 18.16 -7.88
C TYR D 14 8.56 18.82 -8.64
N LEU D 15 7.53 19.19 -7.89
CA LEU D 15 6.31 19.77 -8.45
C LEU D 15 6.56 21.13 -9.07
N ARG D 17 9.23 22.05 -10.73
CA ARG D 17 9.77 21.79 -12.06
C ARG D 17 8.71 21.21 -12.99
N LEU D 18 7.94 20.25 -12.47
CA LEU D 18 6.96 19.54 -13.28
C LEU D 18 5.75 20.42 -13.60
N ARG D 19 5.61 21.53 -12.89
CA ARG D 19 4.51 22.46 -13.11
C ARG D 19 4.68 23.05 -14.51
N ARG D 20 5.92 23.08 -14.96
CA ARG D 20 6.24 23.58 -16.29
C ARG D 20 5.91 22.59 -17.39
N CYS D 21 5.78 21.33 -17.03
CA CYS D 21 5.63 20.28 -18.04
C CYS D 21 4.19 20.22 -18.58
N GLN D 22 4.02 20.40 -19.89
CA GLN D 22 2.69 20.62 -20.48
C GLN D 22 2.33 19.54 -21.48
N THR D 23 1.03 19.37 -21.66
CA THR D 23 0.47 18.45 -22.64
C THR D 23 0.82 16.98 -22.40
N ILE D 24 1.09 16.61 -21.14
CA ILE D 24 1.29 15.20 -20.77
C ILE D 24 2.32 14.42 -21.57
N ASP D 25 2.25 14.53 -22.90
CA ASP D 25 3.20 13.87 -23.78
C ASP D 25 4.61 14.28 -23.38
N THR D 26 4.78 15.57 -23.09
CA THR D 26 6.03 16.07 -22.56
C THR D 26 6.25 15.50 -21.16
N LEU D 27 5.18 15.40 -20.37
CA LEU D 27 5.28 14.85 -19.02
C LEU D 27 5.66 13.38 -19.04
N GLU D 28 4.97 12.61 -19.88
CA GLU D 28 5.27 11.20 -20.03
C GLU D 28 6.73 11.07 -20.41
N ARG D 29 7.20 12.01 -21.22
CA ARG D 29 8.60 12.02 -21.61
C ARG D 29 9.48 12.39 -20.43
N VAL D 30 9.09 13.41 -19.66
CA VAL D 30 9.93 13.84 -18.55
C VAL D 30 9.93 12.78 -17.44
N ILE D 31 8.78 12.17 -17.18
CA ILE D 31 8.74 11.10 -16.18
C ILE D 31 9.61 9.92 -16.65
N GLU D 32 9.54 9.60 -17.93
CA GLU D 32 10.33 8.52 -18.50
C GLU D 32 11.81 8.83 -18.40
N LYS D 33 12.16 10.09 -18.63
CA LYS D 33 13.55 10.55 -18.54
C LYS D 33 14.06 10.50 -17.10
N ASN D 34 13.16 10.80 -16.16
CA ASN D 34 13.51 10.72 -14.74
C ASN D 34 13.71 9.30 -14.21
N LYS D 35 12.79 8.39 -14.52
CA LYS D 35 12.77 7.02 -13.97
C LYS D 35 14.13 6.34 -14.07
N TYR D 36 14.74 6.41 -15.25
CA TYR D 36 16.12 6.00 -15.41
C TYR D 36 16.94 7.17 -14.91
N GLU D 37 17.86 6.89 -14.00
CA GLU D 37 18.74 7.85 -13.31
C GLU D 37 18.14 8.32 -11.98
N LEU D 38 16.85 8.04 -11.76
CA LEU D 38 16.23 8.51 -10.54
C LEU D 38 16.71 7.72 -9.33
N SER D 39 16.63 8.35 -8.17
CA SER D 39 17.11 7.77 -6.91
C SER D 39 16.35 6.54 -6.41
N ASP D 40 15.26 6.22 -7.08
CA ASP D 40 14.43 5.07 -6.71
C ASP D 40 13.68 5.31 -5.41
N ASN D 41 14.41 5.56 -4.33
CA ASN D 41 13.79 5.93 -3.08
C ASN D 41 13.16 7.32 -3.13
N GLU D 42 13.89 8.26 -3.73
CA GLU D 42 13.37 9.61 -3.91
C GLU D 42 12.24 9.58 -4.92
N LEU D 43 12.32 8.62 -5.84
CA LEU D 43 11.35 8.47 -6.91
C LEU D 43 9.96 8.39 -6.29
N ALA D 44 9.88 7.80 -5.10
CA ALA D 44 8.62 7.70 -4.39
C ALA D 44 8.05 9.08 -4.12
N VAL D 45 8.92 10.03 -3.79
CA VAL D 45 8.48 11.41 -3.58
C VAL D 45 8.17 12.10 -4.91
N PHE D 46 8.94 11.76 -5.94
CA PHE D 46 8.74 12.31 -7.28
C PHE D 46 7.43 11.81 -7.91
N TYR D 47 7.08 10.55 -7.64
CA TYR D 47 5.84 9.98 -8.15
C TYR D 47 4.63 10.73 -7.65
N SER D 48 4.74 11.28 -6.44
CA SER D 48 3.66 12.07 -5.86
C SER D 48 3.44 13.31 -6.71
N ALA D 49 4.54 13.89 -7.17
CA ALA D 49 4.48 15.09 -7.99
C ALA D 49 3.99 14.76 -9.39
N ALA D 50 4.37 13.59 -9.88
CA ALA D 50 3.93 13.15 -11.19
C ALA D 50 2.42 13.02 -11.24
N ASP D 51 1.87 12.29 -10.27
CA ASP D 51 0.43 12.11 -10.16
C ASP D 51 -0.26 13.45 -9.91
N HIS D 52 0.27 14.24 -8.97
CA HIS D 52 -0.29 15.55 -8.69
C HIS D 52 -0.39 16.39 -9.95
N ARG D 53 0.74 16.56 -10.64
CA ARG D 53 0.76 17.36 -11.85
C ARG D 53 -0.19 16.77 -12.89
N LEU D 54 -0.12 15.46 -13.08
CA LEU D 54 -1.00 14.78 -14.02
C LEU D 54 -2.45 15.01 -13.65
N ALA D 55 -2.73 15.01 -12.36
CA ALA D 55 -4.08 15.29 -11.91
C ALA D 55 -4.50 16.70 -12.30
N GLU D 56 -3.66 17.68 -11.96
CA GLU D 56 -4.06 19.07 -12.13
C GLU D 56 -3.91 19.49 -13.58
N LEU D 57 -3.44 18.56 -14.41
CA LEU D 57 -3.28 18.83 -15.83
C LEU D 57 -4.44 18.23 -16.61
N THR D 58 -4.91 17.08 -16.13
CA THR D 58 -6.04 16.42 -16.75
C THR D 58 -7.27 17.30 -16.60
N ASN D 60 -7.12 20.89 -15.82
CA ASN D 60 -6.90 22.31 -16.08
C ASN D 60 -7.24 23.19 -14.87
N LYS D 61 -6.92 22.70 -13.68
CA LYS D 61 -7.06 23.47 -12.45
C LYS D 61 -5.81 23.22 -11.63
N LEU D 62 -5.32 24.23 -10.92
CA LEU D 62 -4.09 24.06 -10.13
C LEU D 62 -4.37 23.88 -8.64
N TYR D 63 -4.22 22.65 -8.15
CA TYR D 63 -4.49 22.32 -6.76
C TYR D 63 -3.24 22.42 -5.89
N ASP D 64 -3.38 23.00 -4.70
CA ASP D 64 -2.34 22.87 -3.69
C ASP D 64 -2.40 21.46 -3.10
N LYS D 65 -3.60 21.00 -2.80
CA LYS D 65 -3.82 19.64 -2.34
C LYS D 65 -4.85 18.96 -3.21
N ILE D 66 -4.52 17.78 -3.74
CA ILE D 66 -5.43 17.11 -4.66
C ILE D 66 -6.60 16.51 -3.90
N PRO D 67 -7.81 16.85 -4.33
CA PRO D 67 -9.05 16.30 -3.75
C PRO D 67 -9.21 14.83 -4.09
N SER D 68 -9.80 14.08 -3.18
CA SER D 68 -10.00 12.65 -3.33
C SER D 68 -10.88 12.38 -4.55
N SER D 69 -11.75 13.36 -4.83
CA SER D 69 -12.71 13.29 -5.93
C SER D 69 -11.99 13.16 -7.27
N VAL D 70 -10.90 13.89 -7.42
CA VAL D 70 -10.19 13.97 -8.69
C VAL D 70 -9.53 12.66 -9.15
N TRP D 71 -9.04 11.85 -8.20
CA TRP D 71 -8.24 10.69 -8.56
C TRP D 71 -8.96 9.70 -9.48
N LYS D 72 -10.29 9.68 -9.40
CA LYS D 72 -11.10 8.73 -10.14
C LYS D 72 -10.95 8.90 -11.65
N PHE D 73 -10.69 10.13 -12.09
CA PHE D 73 -10.64 10.46 -13.51
C PHE D 73 -9.33 10.12 -14.24
N ILE D 74 -8.30 9.78 -13.47
CA ILE D 74 -7.02 9.40 -14.04
C ILE D 74 -7.14 8.10 -14.84
N ARG D 75 -6.48 8.05 -16.00
CA ARG D 75 -6.49 6.86 -16.85
C ARG D 75 -5.54 5.79 -16.32
#